data_9GXZ
#
_entry.id   9GXZ
#
_cell.length_a   32.247
_cell.length_b   80.438
_cell.length_c   46.898
_cell.angle_alpha   90.000
_cell.angle_beta   90.310
_cell.angle_gamma   90.000
#
_symmetry.space_group_name_H-M   'P 1 21 1'
#
loop_
_entity.id
_entity.type
_entity.pdbx_description
1 polymer 'LysM-domain receptor-like kinase'
2 non-polymer 2-acetamido-2-deoxy-beta-D-glucopyranose
3 non-polymer 'SULFATE ION'
4 non-polymer 1,2-ETHANEDIOL
5 water water
#
_entity_poly.entity_id   1
_entity_poly.type   'polypeptide(L)'
_entity_poly.pdbx_seq_one_letter_code
;MVSAIVLYVLLAAAAHSAFA(PCA)QEYVNNKQLDCENTYNSTLGNICNSIPSCQSYLTFKSTPQFNTPSSISHLLNSSA
SLISQSNNISTVQTLPTDTIITVPINCTCSNNNTYYQHNTSYTIQNTGETYFTVANNTYQALSTCQALIAQNPYNERKIV
RGNNLTVPLRCACPTKKQSDEGFKYLLTYLVSEGESVSSIAEIFNVDPQSINEANELSSTSFIFYFTPLLIPLKNEPPQK
IVKHHHHHH
;
_entity_poly.pdbx_strand_id   A
#
# COMPACT_ATOMS: atom_id res chain seq x y z
N GLN A 22 -0.02 -11.04 -7.97
CA GLN A 22 -0.49 -9.82 -8.61
C GLN A 22 0.65 -9.21 -9.41
N GLU A 23 0.30 -8.58 -10.52
CA GLU A 23 1.31 -7.96 -11.37
C GLU A 23 2.02 -6.80 -10.68
N TYR A 24 3.33 -6.74 -10.82
CA TYR A 24 4.10 -5.65 -10.19
C TYR A 24 3.97 -4.39 -11.04
N VAL A 25 3.74 -3.22 -10.40
CA VAL A 25 3.59 -1.98 -11.16
C VAL A 25 4.82 -1.64 -11.98
N ASN A 26 6.02 -2.01 -11.50
CA ASN A 26 7.21 -1.97 -12.34
C ASN A 26 7.53 -0.56 -12.85
N ASN A 27 7.22 0.48 -12.08
CA ASN A 27 7.50 1.88 -12.42
C ASN A 27 6.62 2.40 -13.57
N LYS A 28 5.57 1.67 -13.93
CA LYS A 28 4.58 2.21 -14.84
C LYS A 28 3.77 3.30 -14.20
N GLN A 29 3.77 3.36 -12.88
CA GLN A 29 3.06 4.41 -12.16
C GLN A 29 3.82 5.76 -12.24
N LEU A 30 4.99 5.78 -12.85
CA LEU A 30 5.62 7.08 -13.19
C LEU A 30 5.07 7.67 -14.47
N ASP A 31 4.36 6.90 -15.28
CA ASP A 31 3.94 7.33 -16.64
C ASP A 31 2.45 7.63 -16.63
N CYS A 32 2.11 8.74 -16.00
CA CYS A 32 0.70 9.02 -15.68
C CYS A 32 -0.14 9.29 -16.91
N GLU A 33 0.46 9.58 -18.04
CA GLU A 33 -0.33 9.86 -19.23
C GLU A 33 -0.83 8.61 -19.93
N ASN A 34 -0.38 7.43 -19.49
CA ASN A 34 -0.76 6.19 -20.13
C ASN A 34 -1.37 5.26 -19.12
N THR A 35 -2.26 4.40 -19.61
CA THR A 35 -2.97 3.41 -18.78
C THR A 35 -2.30 2.04 -18.87
N TYR A 36 -2.07 1.43 -17.71
CA TYR A 36 -1.46 0.11 -17.61
C TYR A 36 -2.30 -0.69 -16.62
N ASN A 37 -2.48 -1.96 -16.92
CA ASN A 37 -3.42 -2.74 -16.12
C ASN A 37 -2.99 -2.75 -14.65
N SER A 38 -1.69 -2.97 -14.42
CA SER A 38 -1.21 -3.04 -13.04
C SER A 38 -1.45 -1.74 -12.28
N THR A 39 -1.41 -0.58 -12.96
CA THR A 39 -1.56 0.66 -12.21
C THR A 39 -3.00 0.96 -11.88
N LEU A 40 -3.96 0.27 -12.51
CA LEU A 40 -5.35 0.49 -12.13
C LEU A 40 -5.72 -0.21 -10.84
N GLY A 41 -4.96 -1.22 -10.45
CA GLY A 41 -5.13 -1.84 -9.14
C GLY A 41 -4.86 -3.33 -9.17
N ASN A 42 -4.61 -3.90 -8.00
CA ASN A 42 -4.57 -5.38 -7.90
C ASN A 42 -5.95 -5.92 -8.28
N ILE A 43 -5.97 -7.08 -8.93
CA ILE A 43 -7.20 -7.65 -9.47
C ILE A 43 -7.86 -8.49 -8.39
N CYS A 44 -9.18 -8.40 -8.27
CA CYS A 44 -9.90 -9.25 -7.32
C CYS A 44 -9.89 -10.66 -7.89
N ASN A 45 -8.98 -11.50 -7.43
CA ASN A 45 -8.81 -12.84 -7.98
C ASN A 45 -8.92 -13.91 -6.91
N SER A 46 -9.46 -13.56 -5.75
CA SER A 46 -9.63 -14.55 -4.71
C SER A 46 -10.85 -14.19 -3.88
N ILE A 47 -10.80 -14.49 -2.58
CA ILE A 47 -11.92 -14.22 -1.70
C ILE A 47 -12.26 -12.73 -1.70
N PRO A 48 -13.52 -12.35 -1.51
CA PRO A 48 -13.88 -10.94 -1.74
C PRO A 48 -13.58 -10.01 -0.58
N SER A 49 -13.11 -10.53 0.57
CA SER A 49 -12.94 -9.66 1.72
C SER A 49 -11.91 -10.29 2.64
N CYS A 50 -10.98 -9.49 3.12
CA CYS A 50 -10.00 -10.03 4.05
C CYS A 50 -9.39 -8.90 4.86
N GLN A 51 -8.74 -9.32 5.95
CA GLN A 51 -7.83 -8.42 6.65
C GLN A 51 -6.52 -8.31 5.87
N SER A 52 -6.02 -7.10 5.74
CA SER A 52 -4.76 -6.88 5.07
C SER A 52 -3.98 -5.82 5.85
N TYR A 53 -2.81 -5.45 5.31
CA TYR A 53 -1.93 -4.47 5.96
C TYR A 53 -1.29 -3.60 4.90
N LEU A 54 -1.16 -2.32 5.24
CA LEU A 54 -0.31 -1.40 4.49
C LEU A 54 0.90 -1.10 5.37
N THR A 55 1.88 -0.42 4.82
CA THR A 55 2.97 0.15 5.61
C THR A 55 3.04 1.62 5.22
N PHE A 56 3.66 2.40 6.10
CA PHE A 56 3.65 3.85 5.92
C PHE A 56 4.79 4.41 6.74
N LYS A 57 5.47 5.41 6.21
CA LYS A 57 6.57 6.05 6.93
C LYS A 57 6.06 7.36 7.51
N SER A 58 6.25 7.52 8.81
CA SER A 58 5.68 8.72 9.41
C SER A 58 6.43 9.95 8.89
N THR A 59 5.71 11.06 8.88
CA THR A 59 6.18 12.35 8.43
C THR A 59 5.77 13.38 9.47
N PRO A 60 6.30 14.61 9.37
CA PRO A 60 5.91 15.63 10.34
C PRO A 60 4.43 15.85 10.36
N GLN A 61 3.76 15.80 9.20
CA GLN A 61 2.31 16.00 9.22
C GLN A 61 1.57 14.76 9.70
N PHE A 62 2.04 13.57 9.33
CA PHE A 62 1.35 12.32 9.63
C PHE A 62 2.24 11.55 10.59
N ASN A 63 2.16 11.94 11.86
CA ASN A 63 3.14 11.53 12.87
C ASN A 63 2.46 10.90 14.08
N THR A 64 1.16 10.59 14.02
CA THR A 64 0.47 9.94 15.14
C THR A 64 -0.47 8.89 14.63
N PRO A 65 -0.86 7.94 15.47
CA PRO A 65 -1.84 6.94 15.02
C PRO A 65 -3.12 7.60 14.52
N SER A 66 -3.59 8.67 15.17
CA SER A 66 -4.82 9.32 14.73
CA SER A 66 -4.82 9.32 14.72
C SER A 66 -4.64 9.98 13.36
N SER A 67 -3.54 10.72 13.15
CA SER A 67 -3.39 11.39 11.84
C SER A 67 -3.16 10.38 10.71
N ILE A 68 -2.42 9.31 10.98
CA ILE A 68 -2.17 8.33 9.94
C ILE A 68 -3.43 7.54 9.64
N SER A 69 -4.17 7.17 10.69
CA SER A 69 -5.40 6.44 10.46
CA SER A 69 -5.42 6.46 10.49
C SER A 69 -6.40 7.28 9.69
N HIS A 70 -6.43 8.60 9.95
CA HIS A 70 -7.34 9.45 9.17
C HIS A 70 -6.94 9.45 7.71
N LEU A 71 -5.64 9.59 7.44
CA LEU A 71 -5.20 9.63 6.05
C LEU A 71 -5.51 8.32 5.33
N LEU A 72 -5.27 7.19 6.01
CA LEU A 72 -5.33 5.90 5.33
C LEU A 72 -6.63 5.15 5.58
N ASN A 73 -7.52 5.73 6.38
CA ASN A 73 -8.82 5.11 6.69
C ASN A 73 -8.62 3.77 7.40
N SER A 74 -7.92 3.82 8.51
CA SER A 74 -7.74 2.68 9.39
C SER A 74 -8.35 3.04 10.75
N SER A 75 -7.77 2.58 11.87
CA SER A 75 -8.19 3.13 13.16
C SER A 75 -6.96 3.33 13.99
N ALA A 76 -7.03 4.29 14.92
CA ALA A 76 -5.89 4.44 15.82
C ALA A 76 -5.64 3.16 16.64
N SER A 77 -6.73 2.50 17.12
CA SER A 77 -6.55 1.30 17.92
C SER A 77 -5.90 0.17 17.11
N LEU A 78 -6.24 0.04 15.83
CA LEU A 78 -5.59 -0.98 15.03
C LEU A 78 -4.10 -0.69 14.86
N ILE A 79 -3.73 0.56 14.55
CA ILE A 79 -2.32 0.92 14.43
C ILE A 79 -1.61 0.66 15.76
N SER A 80 -2.24 1.06 16.89
CA SER A 80 -1.65 0.83 18.21
C SER A 80 -1.37 -0.66 18.41
N GLN A 81 -2.36 -1.51 18.05
CA GLN A 81 -2.26 -2.96 18.22
CA GLN A 81 -2.19 -2.93 18.28
C GLN A 81 -1.14 -3.55 17.37
N SER A 82 -1.08 -3.13 16.11
CA SER A 82 -0.19 -3.76 15.13
CA SER A 82 -0.17 -3.83 15.20
C SER A 82 1.26 -3.39 15.39
N ASN A 83 1.47 -2.21 15.97
CA ASN A 83 2.83 -1.69 16.18
C ASN A 83 3.24 -1.71 17.64
N ASN A 84 2.33 -2.10 18.54
CA ASN A 84 2.58 -2.04 19.99
C ASN A 84 3.05 -0.65 20.42
N ILE A 85 2.22 0.34 20.08
CA ILE A 85 2.47 1.73 20.43
C ILE A 85 1.21 2.30 21.08
N SER A 86 1.37 3.40 21.78
CA SER A 86 0.19 4.12 22.27
C SER A 86 -0.68 4.71 21.14
N THR A 87 -2.00 4.72 21.36
CA THR A 87 -2.87 5.38 20.38
C THR A 87 -2.64 6.88 20.31
N VAL A 88 -1.95 7.46 21.31
CA VAL A 88 -1.74 8.90 21.38
C VAL A 88 -0.26 9.28 21.42
N GLN A 89 0.63 8.43 20.94
CA GLN A 89 2.01 8.87 20.95
C GLN A 89 2.35 9.49 19.60
N THR A 90 3.37 10.32 19.58
CA THR A 90 3.94 10.75 18.31
C THR A 90 4.94 9.70 17.84
N LEU A 91 5.31 9.79 16.58
CA LEU A 91 6.28 8.85 16.06
C LEU A 91 7.44 9.66 15.51
N PRO A 92 8.69 9.25 15.74
CA PRO A 92 9.81 9.97 15.11
C PRO A 92 9.66 9.98 13.58
N THR A 93 10.05 11.09 12.95
CA THR A 93 9.97 11.16 11.49
C THR A 93 10.67 9.96 10.89
N ASP A 94 10.08 9.40 9.84
CA ASP A 94 10.60 8.26 9.10
C ASP A 94 10.47 6.93 9.84
N THR A 95 9.56 6.80 10.81
CA THR A 95 9.32 5.49 11.42
C THR A 95 8.40 4.70 10.50
N ILE A 96 8.78 3.44 10.18
CA ILE A 96 7.88 2.61 9.35
C ILE A 96 6.88 1.94 10.29
N ILE A 97 5.58 2.09 9.98
CA ILE A 97 4.58 1.40 10.79
C ILE A 97 3.70 0.54 9.89
N THR A 98 3.11 -0.50 10.49
CA THR A 98 2.09 -1.27 9.79
C THR A 98 0.72 -0.66 10.08
N VAL A 99 -0.17 -0.78 9.11
CA VAL A 99 -1.52 -0.20 9.22
C VAL A 99 -2.53 -1.26 8.82
N PRO A 100 -3.21 -1.89 9.76
CA PRO A 100 -4.24 -2.86 9.37
C PRO A 100 -5.38 -2.19 8.63
N ILE A 101 -5.87 -2.88 7.58
CA ILE A 101 -6.95 -2.35 6.73
C ILE A 101 -7.82 -3.49 6.26
N ASN A 102 -9.11 -3.19 6.02
CA ASN A 102 -9.89 -4.12 5.23
C ASN A 102 -9.42 -4.07 3.79
N CYS A 103 -9.52 -5.22 3.10
CA CYS A 103 -9.28 -5.27 1.68
C CYS A 103 -10.48 -5.94 1.06
N THR A 104 -11.14 -5.29 0.11
CA THR A 104 -12.34 -5.87 -0.48
C THR A 104 -12.32 -5.52 -1.96
N CYS A 105 -13.27 -6.08 -2.70
CA CYS A 105 -13.34 -5.84 -4.14
C CYS A 105 -14.24 -4.65 -4.49
N SER A 106 -13.80 -3.85 -5.46
CA SER A 106 -14.52 -2.61 -5.82
C SER A 106 -14.45 -2.41 -7.33
N ASN A 107 -15.35 -1.55 -7.82
CA ASN A 107 -15.46 -1.23 -9.24
C ASN A 107 -15.92 -2.43 -10.03
N ASN A 108 -17.17 -2.86 -9.82
CA ASN A 108 -17.72 -4.04 -10.47
C ASN A 108 -16.94 -5.29 -10.09
N ASN A 109 -16.47 -5.31 -8.84
CA ASN A 109 -15.70 -6.40 -8.28
CA ASN A 109 -15.73 -6.45 -8.32
C ASN A 109 -14.38 -6.65 -9.03
N THR A 110 -13.86 -5.63 -9.75
CA THR A 110 -12.63 -5.89 -10.51
C THR A 110 -11.34 -5.77 -9.72
N TYR A 111 -11.25 -4.82 -8.79
CA TYR A 111 -9.99 -4.54 -8.08
C TYR A 111 -10.14 -4.85 -6.60
N TYR A 112 -9.05 -5.35 -6.02
CA TYR A 112 -8.88 -5.27 -4.58
C TYR A 112 -8.36 -3.87 -4.30
N GLN A 113 -9.00 -3.16 -3.35
CA GLN A 113 -8.50 -1.86 -2.96
C GLN A 113 -9.10 -1.54 -1.61
N HIS A 114 -8.44 -0.63 -0.90
CA HIS A 114 -8.98 -0.07 0.33
C HIS A 114 -9.17 1.42 0.11
N ASN A 115 -10.42 1.86 0.14
CA ASN A 115 -10.68 3.27 -0.16
C ASN A 115 -10.34 4.18 1.01
N THR A 116 -9.78 5.35 0.68
CA THR A 116 -9.73 6.43 1.67
C THR A 116 -10.04 7.71 0.93
N SER A 117 -10.04 8.83 1.64
CA SER A 117 -10.33 10.12 1.02
CA SER A 117 -10.37 10.14 1.07
C SER A 117 -9.25 11.12 1.41
N TYR A 118 -8.99 12.07 0.51
CA TYR A 118 -7.94 13.06 0.74
C TYR A 118 -8.37 14.36 0.12
N THR A 119 -8.40 15.42 0.90
CA THR A 119 -8.71 16.74 0.37
C THR A 119 -7.41 17.46 0.03
N ILE A 120 -7.29 17.93 -1.22
CA ILE A 120 -6.10 18.67 -1.66
C ILE A 120 -5.85 19.84 -0.71
N GLN A 121 -4.61 19.95 -0.20
CA GLN A 121 -4.30 21.02 0.75
C GLN A 121 -3.79 22.28 0.10
N ASN A 122 -3.13 22.15 -1.06
CA ASN A 122 -2.53 23.30 -1.71
C ASN A 122 -2.66 23.13 -3.21
N THR A 123 -3.24 24.13 -3.88
CA THR A 123 -3.32 24.06 -5.33
C THR A 123 -1.90 23.94 -5.88
N GLY A 124 -1.71 22.95 -6.75
CA GLY A 124 -0.36 22.65 -7.19
C GLY A 124 -0.11 21.17 -6.99
N GLU A 125 -0.78 20.58 -6.01
CA GLU A 125 -0.71 19.12 -5.93
C GLU A 125 -1.30 18.51 -7.19
N THR A 126 -0.84 17.32 -7.53
CA THR A 126 -1.29 16.67 -8.74
C THR A 126 -1.71 15.25 -8.39
N TYR A 127 -2.34 14.55 -9.34
CA TYR A 127 -2.60 13.15 -9.03
C TYR A 127 -1.32 12.39 -8.69
N PHE A 128 -0.20 12.70 -9.36
CA PHE A 128 1.04 12.00 -9.01
C PHE A 128 1.50 12.36 -7.61
N THR A 129 1.51 13.65 -7.24
CA THR A 129 2.00 13.92 -5.90
C THR A 129 1.10 13.28 -4.84
N VAL A 130 -0.21 13.18 -5.10
CA VAL A 130 -1.07 12.52 -4.12
C VAL A 130 -0.71 11.03 -4.01
N ALA A 131 -0.55 10.36 -5.14
CA ALA A 131 -0.27 8.92 -5.07
C ALA A 131 1.13 8.63 -4.57
N ASN A 132 2.12 9.38 -5.08
CA ASN A 132 3.53 9.05 -4.82
C ASN A 132 4.05 9.71 -3.56
N ASN A 133 3.70 10.97 -3.33
CA ASN A 133 4.26 11.70 -2.17
C ASN A 133 3.36 11.51 -0.95
N THR A 134 2.14 12.05 -1.01
CA THR A 134 1.24 12.01 0.14
C THR A 134 0.99 10.57 0.56
N TYR A 135 0.65 9.71 -0.39
CA TYR A 135 0.36 8.32 -0.08
C TYR A 135 1.55 7.38 -0.31
N GLN A 136 2.74 7.93 -0.54
CA GLN A 136 3.98 7.17 -0.48
C GLN A 136 3.97 5.98 -1.42
N ALA A 137 3.24 6.06 -2.53
CA ALA A 137 3.20 5.01 -3.54
C ALA A 137 2.24 3.90 -3.15
N LEU A 138 1.36 4.13 -2.13
CA LEU A 138 0.31 3.14 -1.83
C LEU A 138 -0.83 3.20 -2.82
N SER A 139 -0.85 4.21 -3.71
CA SER A 139 -1.78 4.21 -4.82
C SER A 139 -1.03 4.70 -6.06
N THR A 140 -1.74 4.85 -7.16
CA THR A 140 -1.11 5.29 -8.42
C THR A 140 -1.89 6.43 -9.03
N CYS A 141 -1.16 7.27 -9.82
CA CYS A 141 -1.88 8.32 -10.49
C CYS A 141 -2.97 7.75 -11.41
N GLN A 142 -2.73 6.63 -12.09
CA GLN A 142 -3.74 6.15 -13.03
C GLN A 142 -5.00 5.72 -12.30
N ALA A 143 -4.88 5.06 -11.14
CA ALA A 143 -6.08 4.68 -10.39
C ALA A 143 -6.82 5.95 -9.91
N LEU A 144 -6.07 6.98 -9.49
CA LEU A 144 -6.73 8.21 -9.03
C LEU A 144 -7.46 8.88 -10.18
N ILE A 145 -6.85 8.88 -11.36
CA ILE A 145 -7.52 9.47 -12.55
C ILE A 145 -8.78 8.70 -12.86
N ALA A 146 -8.69 7.38 -12.83
CA ALA A 146 -9.79 6.52 -13.22
C ALA A 146 -10.96 6.63 -12.25
N GLN A 147 -10.69 6.88 -10.97
CA GLN A 147 -11.71 6.80 -9.92
C GLN A 147 -12.16 8.16 -9.40
N ASN A 148 -11.73 9.25 -10.02
CA ASN A 148 -12.17 10.57 -9.62
C ASN A 148 -12.62 11.40 -10.81
N PRO A 149 -13.48 12.38 -10.57
CA PRO A 149 -14.01 13.16 -11.70
C PRO A 149 -13.26 14.44 -12.03
N TYR A 150 -12.23 14.80 -11.27
CA TYR A 150 -11.56 16.07 -11.49
C TYR A 150 -10.64 16.04 -12.70
N ASN A 151 -10.64 17.16 -13.43
CA ASN A 151 -9.74 17.35 -14.54
C ASN A 151 -8.30 17.31 -14.03
N GLU A 152 -7.52 16.37 -14.55
CA GLU A 152 -6.19 16.16 -13.97
C GLU A 152 -5.31 17.40 -14.09
N ARG A 153 -5.59 18.30 -15.05
CA ARG A 153 -4.78 19.49 -15.25
C ARG A 153 -5.26 20.66 -14.41
N LYS A 154 -6.37 20.51 -13.67
CA LYS A 154 -6.97 21.63 -12.93
C LYS A 154 -7.47 21.17 -11.55
N ILE A 155 -6.73 20.26 -10.91
CA ILE A 155 -7.02 19.92 -9.52
CA ILE A 155 -6.98 19.92 -9.51
C ILE A 155 -6.73 21.14 -8.67
N VAL A 156 -7.59 21.39 -7.65
CA VAL A 156 -7.42 22.58 -6.82
C VAL A 156 -7.58 22.21 -5.36
N ARG A 157 -7.03 23.08 -4.51
CA ARG A 157 -7.23 22.94 -3.07
C ARG A 157 -8.72 22.80 -2.75
N GLY A 158 -9.04 21.85 -1.89
CA GLY A 158 -10.42 21.59 -1.49
C GLY A 158 -11.08 20.45 -2.22
N ASN A 159 -10.56 20.05 -3.39
CA ASN A 159 -11.13 18.89 -4.07
C ASN A 159 -10.93 17.68 -3.17
N ASN A 160 -11.98 16.89 -3.02
CA ASN A 160 -11.92 15.71 -2.15
C ASN A 160 -11.78 14.45 -3.02
N LEU A 161 -10.63 13.84 -2.98
CA LEU A 161 -10.35 12.71 -3.86
C LEU A 161 -10.65 11.41 -3.14
N THR A 162 -11.19 10.42 -3.88
CA THR A 162 -11.19 9.04 -3.38
CA THR A 162 -11.20 9.04 -3.41
C THR A 162 -9.85 8.42 -3.80
N VAL A 163 -9.20 7.77 -2.85
CA VAL A 163 -7.85 7.25 -3.09
C VAL A 163 -7.93 5.74 -2.91
N PRO A 164 -7.71 4.98 -3.98
CA PRO A 164 -7.83 3.51 -3.89
C PRO A 164 -6.46 2.94 -3.49
N LEU A 165 -6.34 2.59 -2.21
CA LEU A 165 -5.05 2.12 -1.72
C LEU A 165 -4.88 0.66 -2.09
N ARG A 166 -3.63 0.29 -2.44
CA ARG A 166 -3.37 -1.02 -3.02
C ARG A 166 -3.29 -2.08 -1.93
N CYS A 167 -4.05 -3.14 -2.10
CA CYS A 167 -4.01 -4.26 -1.16
C CYS A 167 -4.43 -5.48 -1.94
N ALA A 168 -4.29 -6.68 -1.33
CA ALA A 168 -4.87 -7.86 -1.95
C ALA A 168 -5.15 -8.89 -0.86
N CYS A 169 -5.95 -9.87 -1.21
CA CYS A 169 -6.18 -11.03 -0.34
C CYS A 169 -5.43 -12.24 -0.92
N PRO A 170 -4.90 -13.12 -0.08
CA PRO A 170 -4.20 -14.30 -0.60
C PRO A 170 -5.06 -15.09 -1.56
N THR A 171 -4.44 -15.58 -2.64
CA THR A 171 -5.12 -16.49 -3.54
C THR A 171 -5.26 -17.86 -2.87
N LYS A 172 -6.03 -18.73 -3.50
CA LYS A 172 -6.11 -20.11 -2.99
C LYS A 172 -4.73 -20.74 -2.89
N LYS A 173 -3.88 -20.53 -3.89
CA LYS A 173 -2.54 -21.11 -3.84
C LYS A 173 -1.76 -20.58 -2.65
N GLN A 174 -1.81 -19.26 -2.42
CA GLN A 174 -1.07 -18.70 -1.28
C GLN A 174 -1.62 -19.18 0.04
N SER A 175 -2.94 -19.28 0.16
CA SER A 175 -3.53 -19.79 1.39
CA SER A 175 -3.52 -19.79 1.39
C SER A 175 -3.09 -21.23 1.64
N ASP A 176 -3.09 -22.05 0.58
CA ASP A 176 -2.68 -23.46 0.69
C ASP A 176 -1.23 -23.56 1.15
N GLU A 177 -0.40 -22.57 0.79
CA GLU A 177 0.98 -22.50 1.20
C GLU A 177 1.13 -22.02 2.64
N GLY A 178 0.04 -21.59 3.27
CA GLY A 178 0.06 -21.13 4.63
C GLY A 178 0.10 -19.65 4.82
N PHE A 179 -0.15 -18.85 3.78
CA PHE A 179 -0.14 -17.40 3.94
C PHE A 179 -1.52 -16.90 4.36
N LYS A 180 -1.55 -16.20 5.48
CA LYS A 180 -2.73 -15.64 6.12
C LYS A 180 -3.07 -14.24 5.66
N TYR A 181 -2.08 -13.45 5.30
CA TYR A 181 -2.30 -12.08 4.91
C TYR A 181 -1.37 -11.78 3.74
N LEU A 182 -1.72 -10.74 2.99
CA LEU A 182 -0.75 -9.99 2.19
C LEU A 182 -0.58 -8.60 2.77
N LEU A 183 0.64 -8.10 2.76
CA LEU A 183 0.92 -6.76 3.26
C LEU A 183 1.56 -5.96 2.13
N THR A 184 1.16 -4.71 2.00
CA THR A 184 1.71 -3.83 0.95
C THR A 184 2.90 -3.09 1.51
N TYR A 185 4.10 -3.41 1.01
CA TYR A 185 5.37 -2.91 1.52
C TYR A 185 5.87 -1.84 0.56
N LEU A 186 6.45 -0.78 1.09
CA LEU A 186 6.95 0.31 0.25
C LEU A 186 8.47 0.19 0.12
N VAL A 187 8.96 -0.07 -1.09
CA VAL A 187 10.39 -0.32 -1.32
C VAL A 187 11.16 0.99 -1.25
N SER A 188 12.26 0.98 -0.52
CA SER A 188 13.23 2.07 -0.45
CA SER A 188 13.19 2.09 -0.52
C SER A 188 14.52 1.69 -1.17
N GLU A 189 15.32 2.70 -1.46
CA GLU A 189 16.60 2.48 -2.14
C GLU A 189 17.48 1.58 -1.28
N GLY A 190 18.19 0.66 -1.91
CA GLY A 190 19.08 -0.18 -1.12
C GLY A 190 18.45 -1.40 -0.49
N GLU A 191 17.22 -1.72 -0.84
CA GLU A 191 16.60 -2.93 -0.34
C GLU A 191 16.66 -3.97 -1.46
N SER A 192 16.64 -5.25 -1.08
CA SER A 192 16.54 -6.31 -2.07
C SER A 192 15.38 -7.19 -1.64
N VAL A 193 14.94 -8.11 -2.51
CA VAL A 193 13.91 -9.04 -2.08
CA VAL A 193 13.90 -9.01 -2.04
C VAL A 193 14.40 -9.82 -0.85
N SER A 194 15.70 -10.13 -0.79
CA SER A 194 16.21 -10.87 0.38
C SER A 194 16.17 -10.05 1.66
N SER A 195 16.52 -8.76 1.57
CA SER A 195 16.52 -8.00 2.80
C SER A 195 15.10 -7.75 3.30
N ILE A 196 14.18 -7.53 2.36
CA ILE A 196 12.78 -7.37 2.73
C ILE A 196 12.26 -8.69 3.26
N ALA A 197 12.60 -9.81 2.61
CA ALA A 197 12.11 -11.09 3.14
C ALA A 197 12.59 -11.36 4.56
N GLU A 198 13.83 -10.95 4.88
CA GLU A 198 14.37 -11.14 6.23
C GLU A 198 13.51 -10.43 7.29
N ILE A 199 12.93 -9.25 6.96
CA ILE A 199 12.06 -8.55 7.92
C ILE A 199 10.93 -9.45 8.36
N PHE A 200 10.35 -10.18 7.43
CA PHE A 200 9.10 -10.86 7.65
C PHE A 200 9.26 -12.35 7.83
N ASN A 201 10.50 -12.84 7.76
CA ASN A 201 10.79 -14.25 7.91
C ASN A 201 10.08 -15.10 6.87
N VAL A 202 10.18 -14.68 5.60
CA VAL A 202 9.64 -15.46 4.49
C VAL A 202 10.75 -15.70 3.48
N ASP A 203 10.51 -16.69 2.62
CA ASP A 203 11.45 -16.93 1.53
C ASP A 203 11.24 -15.85 0.47
N PRO A 204 12.30 -15.24 -0.04
CA PRO A 204 12.11 -14.29 -1.13
C PRO A 204 11.41 -14.89 -2.33
N GLN A 205 11.51 -16.19 -2.57
CA GLN A 205 10.77 -16.75 -3.68
C GLN A 205 9.26 -16.52 -3.49
N SER A 206 8.79 -16.50 -2.24
CA SER A 206 7.37 -16.25 -2.03
CA SER A 206 7.37 -16.24 -2.01
C SER A 206 7.01 -14.80 -2.37
N ILE A 207 7.94 -13.88 -2.17
CA ILE A 207 7.72 -12.49 -2.60
C ILE A 207 7.69 -12.42 -4.11
N ASN A 208 8.63 -13.12 -4.76
CA ASN A 208 8.61 -13.15 -6.22
C ASN A 208 7.29 -13.71 -6.72
N GLU A 209 6.84 -14.83 -6.14
CA GLU A 209 5.56 -15.39 -6.57
CA GLU A 209 5.55 -15.41 -6.53
C GLU A 209 4.42 -14.40 -6.36
N ALA A 210 4.39 -13.70 -5.21
CA ALA A 210 3.29 -12.78 -4.93
C ALA A 210 3.24 -11.60 -5.88
N ASN A 211 4.35 -11.26 -6.52
CA ASN A 211 4.45 -10.08 -7.40
C ASN A 211 4.72 -10.44 -8.84
N GLU A 212 4.57 -11.71 -9.21
CA GLU A 212 4.79 -12.11 -10.60
C GLU A 212 6.18 -11.65 -11.08
N LEU A 213 7.18 -11.81 -10.22
CA LEU A 213 8.59 -11.57 -10.54
C LEU A 213 9.31 -12.91 -10.61
N SER A 214 10.52 -12.84 -11.11
N SER A 214 10.53 -12.83 -11.13
CA SER A 214 11.44 -13.97 -11.00
CA SER A 214 11.48 -13.94 -11.10
C SER A 214 12.71 -13.56 -10.29
C SER A 214 12.69 -13.56 -10.27
N SER A 215 13.60 -14.52 -10.07
CA SER A 215 14.83 -14.17 -9.36
C SER A 215 15.73 -13.27 -10.20
N THR A 216 15.45 -13.14 -11.50
CA THR A 216 16.18 -12.22 -12.38
C THR A 216 15.54 -10.84 -12.50
N SER A 217 14.34 -10.62 -11.93
CA SER A 217 13.65 -9.33 -12.09
C SER A 217 14.27 -8.30 -11.16
N PHE A 218 13.92 -7.02 -11.35
CA PHE A 218 14.33 -5.99 -10.42
C PHE A 218 13.14 -5.48 -9.62
N ILE A 219 13.43 -4.93 -8.46
CA ILE A 219 12.48 -4.10 -7.74
C ILE A 219 13.04 -2.69 -7.63
N PHE A 220 12.14 -1.71 -7.49
CA PHE A 220 12.49 -0.30 -7.63
C PHE A 220 12.01 0.47 -6.40
N TYR A 221 12.78 1.50 -6.03
CA TYR A 221 12.35 2.36 -4.93
C TYR A 221 11.10 3.18 -5.27
N PHE A 222 10.35 3.49 -4.22
CA PHE A 222 9.06 4.20 -4.31
C PHE A 222 8.05 3.41 -5.13
N THR A 223 8.03 2.08 -4.93
CA THR A 223 6.99 1.24 -5.48
C THR A 223 6.43 0.37 -4.38
N PRO A 224 5.19 -0.09 -4.54
CA PRO A 224 4.56 -1.02 -3.56
C PRO A 224 4.79 -2.45 -4.02
N LEU A 225 5.05 -3.34 -3.03
CA LEU A 225 5.38 -4.73 -3.30
C LEU A 225 4.60 -5.53 -2.26
N LEU A 226 3.90 -6.59 -2.67
CA LEU A 226 3.11 -7.41 -1.76
C LEU A 226 3.98 -8.46 -1.10
N ILE A 227 3.83 -8.58 0.22
CA ILE A 227 4.58 -9.53 1.01
C ILE A 227 3.59 -10.53 1.55
N PRO A 228 3.73 -11.82 1.24
CA PRO A 228 2.81 -12.79 1.84
C PRO A 228 3.25 -13.14 3.25
N LEU A 229 2.30 -13.22 4.19
CA LEU A 229 2.65 -13.40 5.60
C LEU A 229 1.96 -14.61 6.18
N LYS A 230 2.69 -15.41 6.96
CA LYS A 230 2.07 -16.53 7.64
C LYS A 230 1.50 -16.16 8.98
N ASN A 231 1.86 -14.99 9.52
CA ASN A 231 1.50 -14.58 10.86
C ASN A 231 1.32 -13.07 10.80
N GLU A 232 0.93 -12.45 11.91
CA GLU A 232 0.90 -10.99 11.93
C GLU A 232 2.30 -10.44 11.64
N PRO A 233 2.40 -9.27 11.02
CA PRO A 233 3.71 -8.69 10.75
C PRO A 233 4.40 -8.34 12.04
N PRO A 234 5.72 -8.23 12.01
CA PRO A 234 6.43 -7.80 13.23
C PRO A 234 5.93 -6.45 13.71
N GLN A 235 5.95 -6.24 15.03
CA GLN A 235 5.45 -4.98 15.58
C GLN A 235 6.38 -3.82 15.25
N LYS A 236 7.67 -4.06 15.09
CA LYS A 236 8.62 -3.04 14.66
C LYS A 236 9.29 -3.50 13.37
N ILE A 237 9.19 -2.68 12.32
CA ILE A 237 9.87 -2.94 11.06
C ILE A 237 11.14 -2.12 11.04
N VAL A 238 12.26 -2.80 10.84
CA VAL A 238 13.55 -2.17 10.61
C VAL A 238 14.08 -2.72 9.30
N LYS A 239 14.44 -1.84 8.37
CA LYS A 239 14.84 -2.32 7.05
C LYS A 239 16.12 -3.16 7.06
N HIS A 240 17.06 -2.83 7.96
CA HIS A 240 18.39 -3.48 7.95
C HIS A 240 18.92 -3.73 9.36
#